data_4PIE
#
_entry.id   4PIE
#
_cell.length_a   41.312
_cell.length_b   44.437
_cell.length_c   98.921
_cell.angle_alpha   90.000
_cell.angle_beta   90.000
_cell.angle_gamma   90.000
#
_symmetry.space_group_name_H-M   'P 21 21 21'
#
loop_
_entity.id
_entity.type
_entity.pdbx_description
1 polymer Protease
2 polymer 'Pre-protein VI'
3 non-polymer N-{(2S)-2-(3-chlorophenyl)-2-[(methylsulfonyl)amino]acetyl}-L-phenylalanyl-N-[(2Z)-2-iminoethyl]glycinamide
4 non-polymer 'SULFATE ION'
5 non-polymer 'ZINC ION'
6 non-polymer 'ACETATE ION'
7 water water
#
loop_
_entity_poly.entity_id
_entity_poly.type
_entity_poly.pdbx_seq_one_letter_code
_entity_poly.pdbx_strand_id
1 'polypeptide(L)'
;MGSSEQELKAIVKDLGCGPYFLGTYDKRFPGFVSPHKLACAIVNTAGRETGGVHWMAFAWNPRSKTCYLFEPFGFSDQRL
KQVYQFEYESLLRRSAIASSPDRCITLEKSTQSVQGPNSAACGLFCCMFLHAFANWPQTPMDHNPTMNLITGVPNSMLNS
PQVQPTLRRNQEQLYSFLERHSPYFRSHSAQIRSATSFCHLKNM
;
A
2 'polypeptide(L)' GVQSLKRRRCF B
#
# COMPACT_ATOMS: atom_id res chain seq x y z
N GLY A 2 6.42 -1.13 14.06
CA GLY A 2 5.63 -1.37 12.84
C GLY A 2 5.76 -2.84 12.48
N SER A 3 5.71 -3.15 11.19
CA SER A 3 5.80 -4.55 10.72
C SER A 3 7.14 -4.88 10.11
N SER A 4 7.63 -6.12 10.32
CA SER A 4 8.84 -6.49 9.63
C SER A 4 8.44 -7.03 8.25
N GLU A 5 9.41 -7.12 7.37
CA GLU A 5 9.31 -7.78 6.08
C GLU A 5 8.78 -9.22 6.16
N GLN A 6 9.18 -9.92 7.18
CA GLN A 6 8.84 -11.34 7.31
C GLN A 6 7.37 -11.51 7.60
N GLU A 7 6.87 -10.66 8.47
CA GLU A 7 5.48 -10.57 8.76
C GLU A 7 4.62 -10.22 7.52
N LEU A 8 4.92 -9.09 6.87
CA LEU A 8 4.23 -8.79 5.62
C LEU A 8 4.31 -9.93 4.57
N LYS A 9 5.49 -10.49 4.33
CA LYS A 9 5.62 -11.66 3.43
C LYS A 9 4.61 -12.80 3.74
N ALA A 10 4.46 -13.19 5.01
CA ALA A 10 3.57 -14.26 5.41
C ALA A 10 2.10 -13.85 5.18
N ILE A 11 1.79 -12.60 5.50
CA ILE A 11 0.44 -12.13 5.46
C ILE A 11 -0.05 -12.09 4.00
N VAL A 12 0.74 -11.44 3.16
CA VAL A 12 0.50 -11.44 1.69
C VAL A 12 0.29 -12.87 1.15
N LYS A 13 1.18 -13.77 1.49
CA LYS A 13 0.98 -15.19 1.09
C LYS A 13 -0.42 -15.69 1.54
N ASP A 14 -0.76 -15.56 2.84
CA ASP A 14 -2.08 -16.02 3.35
C ASP A 14 -3.24 -15.40 2.55
N LEU A 15 -3.08 -14.16 2.08
CA LEU A 15 -4.20 -13.47 1.49
C LEU A 15 -4.37 -13.82 0.02
N GLY A 16 -3.60 -14.78 -0.44
CA GLY A 16 -3.69 -15.29 -1.82
C GLY A 16 -2.88 -14.51 -2.88
N CYS A 17 -2.03 -13.56 -2.45
CA CYS A 17 -1.30 -12.70 -3.37
C CYS A 17 -0.05 -13.37 -3.90
N GLY A 18 0.26 -14.54 -3.37
CA GLY A 18 1.48 -15.28 -3.72
C GLY A 18 1.86 -15.38 -5.21
N PRO A 19 0.91 -15.75 -6.06
CA PRO A 19 1.35 -15.82 -7.48
C PRO A 19 1.80 -14.50 -8.12
N TYR A 20 1.44 -13.34 -7.54
CA TYR A 20 1.75 -12.03 -8.17
C TYR A 20 2.80 -11.20 -7.48
N PHE A 21 3.24 -11.69 -6.34
CA PHE A 21 3.93 -10.88 -5.36
C PHE A 21 5.38 -11.10 -5.55
N LEU A 22 6.06 -10.01 -5.79
CA LEU A 22 7.47 -9.98 -6.10
C LEU A 22 8.38 -9.95 -4.85
N GLY A 23 7.87 -9.47 -3.70
CA GLY A 23 8.70 -9.38 -2.51
C GLY A 23 8.54 -8.07 -1.77
N THR A 24 9.29 -7.90 -0.69
CA THR A 24 9.31 -6.65 0.01
C THR A 24 10.66 -6.01 -0.30
N TYR A 25 10.67 -4.70 -0.57
CA TYR A 25 11.93 -4.04 -0.95
C TYR A 25 12.03 -2.67 -0.32
N ASP A 26 13.23 -2.05 -0.52
CA ASP A 26 13.53 -0.77 0.10
C ASP A 26 13.24 0.20 -1.00
N LYS A 27 13.58 1.47 -0.81
CA LYS A 27 13.12 2.46 -1.75
C LYS A 27 13.73 2.29 -3.13
N ARG A 28 14.67 1.34 -3.27
CA ARG A 28 15.42 1.19 -4.53
C ARG A 28 14.73 0.22 -5.50
N PHE A 29 13.50 -0.20 -5.15
CA PHE A 29 12.79 -1.18 -5.98
C PHE A 29 12.80 -0.63 -7.39
N PRO A 30 13.36 -1.40 -8.35
CA PRO A 30 13.60 -0.88 -9.71
C PRO A 30 12.31 -0.53 -10.52
N GLY A 31 11.20 -1.18 -10.24
CA GLY A 31 10.04 -1.07 -11.10
C GLY A 31 9.74 -2.40 -11.71
N PHE A 32 8.66 -2.45 -12.49
CA PHE A 32 8.10 -3.75 -12.93
C PHE A 32 8.63 -4.16 -14.31
N VAL A 33 9.11 -5.39 -14.45
CA VAL A 33 9.43 -5.90 -15.75
C VAL A 33 8.41 -7.05 -15.94
N SER A 34 7.20 -6.70 -16.40
CA SER A 34 6.02 -7.59 -16.30
C SER A 34 4.97 -7.26 -17.34
N PRO A 35 5.43 -7.21 -18.60
CA PRO A 35 4.55 -6.96 -19.71
C PRO A 35 3.40 -7.96 -19.82
N HIS A 36 3.57 -9.20 -19.36
CA HIS A 36 2.45 -10.17 -19.52
C HIS A 36 1.87 -10.82 -18.25
N LYS A 37 1.99 -10.14 -17.10
CA LYS A 37 1.52 -10.75 -15.86
C LYS A 37 1.21 -9.67 -14.83
N LEU A 38 0.22 -9.94 -13.98
CA LEU A 38 -0.07 -9.13 -12.79
C LEU A 38 1.15 -9.23 -11.87
N ALA A 39 1.49 -8.12 -11.25
CA ALA A 39 2.64 -8.10 -10.32
C ALA A 39 2.41 -7.05 -9.29
N CYS A 40 2.95 -7.32 -8.10
CA CYS A 40 2.87 -6.38 -7.03
C CYS A 40 4.07 -6.47 -6.08
N ALA A 41 4.28 -5.38 -5.33
CA ALA A 41 5.34 -5.46 -4.33
C ALA A 41 5.05 -4.56 -3.16
N ILE A 42 5.72 -4.85 -2.06
CA ILE A 42 5.68 -3.90 -0.89
C ILE A 42 7.05 -3.18 -0.84
N VAL A 43 7.00 -1.85 -0.77
CA VAL A 43 8.22 -1.00 -0.93
C VAL A 43 8.34 -0.04 0.25
N ASN A 44 9.50 -0.03 0.89
CA ASN A 44 9.83 0.99 1.94
C ASN A 44 10.21 2.36 1.34
N THR A 45 9.80 3.46 1.96
CA THR A 45 10.18 4.76 1.56
C THR A 45 11.70 5.02 1.79
N ALA A 46 12.34 4.18 2.60
CA ALA A 46 13.72 4.38 3.07
C ALA A 46 14.64 3.24 2.54
N GLY A 47 15.97 3.42 2.58
CA GLY A 47 16.93 2.39 2.11
C GLY A 47 17.09 1.35 3.18
N ARG A 48 17.51 0.14 2.84
CA ARG A 48 17.63 -0.86 3.91
C ARG A 48 18.61 -0.51 5.00
N GLU A 49 19.70 0.19 4.64
CA GLU A 49 20.73 0.67 5.58
C GLU A 49 20.07 1.40 6.78
N THR A 50 18.90 1.94 6.55
CA THR A 50 18.13 2.72 7.53
C THR A 50 17.43 1.91 8.64
N GLY A 51 17.22 0.61 8.42
CA GLY A 51 16.31 -0.16 9.28
C GLY A 51 14.85 -0.18 8.79
N GLY A 52 14.53 0.81 7.97
CA GLY A 52 13.24 0.92 7.33
C GLY A 52 12.37 1.97 8.03
N VAL A 53 11.56 2.67 7.26
CA VAL A 53 10.70 3.71 7.83
C VAL A 53 9.16 3.47 7.61
N HIS A 54 8.71 3.39 6.36
CA HIS A 54 7.26 3.43 6.09
C HIS A 54 7.01 2.56 4.89
N TRP A 55 5.88 1.86 4.89
CA TRP A 55 5.57 0.93 3.81
C TRP A 55 4.54 1.45 2.86
N MET A 56 4.72 1.16 1.56
CA MET A 56 3.74 1.39 0.51
C MET A 56 3.57 0.17 -0.38
N ALA A 57 2.45 0.16 -1.10
CA ALA A 57 2.33 -0.93 -2.04
C ALA A 57 2.20 -0.36 -3.44
N PHE A 58 2.94 -1.04 -4.30
CA PHE A 58 2.89 -0.83 -5.76
C PHE A 58 2.27 -2.02 -6.47
N ALA A 59 1.45 -1.79 -7.49
CA ALA A 59 0.93 -2.97 -8.18
C ALA A 59 0.82 -2.69 -9.65
N TRP A 60 0.87 -3.75 -10.44
CA TRP A 60 0.95 -3.58 -11.89
C TRP A 60 -0.08 -4.43 -12.61
N ASN A 61 -0.91 -3.78 -13.40
CA ASN A 61 -1.89 -4.53 -14.22
C ASN A 61 -1.63 -4.27 -15.71
N PRO A 62 -1.05 -5.29 -16.39
CA PRO A 62 -0.66 -5.21 -17.81
C PRO A 62 -1.87 -5.03 -18.74
N ARG A 63 -3.02 -5.60 -18.39
CA ARG A 63 -4.23 -5.46 -19.23
C ARG A 63 -4.66 -3.98 -19.41
N SER A 64 -4.66 -3.22 -18.32
CA SER A 64 -5.06 -1.80 -18.42
C SER A 64 -3.85 -0.86 -18.51
N LYS A 65 -2.66 -1.46 -18.50
CA LYS A 65 -1.36 -0.79 -18.31
C LYS A 65 -1.31 0.20 -17.12
N THR A 66 -1.78 -0.24 -15.96
CA THR A 66 -1.93 0.63 -14.77
C THR A 66 -0.98 0.24 -13.72
N CYS A 67 -0.26 1.25 -13.23
CA CYS A 67 0.65 1.07 -12.12
C CYS A 67 0.00 1.71 -10.91
N TYR A 68 -0.30 0.90 -9.92
CA TYR A 68 -0.98 1.45 -8.71
C TYR A 68 0.02 1.82 -7.65
N LEU A 69 -0.18 2.96 -7.01
CA LEU A 69 0.59 3.30 -5.81
C LEU A 69 -0.37 3.46 -4.67
N PHE A 70 -0.27 2.57 -3.69
CA PHE A 70 -1.08 2.70 -2.46
C PHE A 70 -0.17 3.01 -1.27
N GLU A 71 -0.22 4.27 -0.84
CA GLU A 71 0.50 4.73 0.32
C GLU A 71 -0.60 5.16 1.36
N PRO A 72 -0.63 4.56 2.57
CA PRO A 72 -1.80 4.71 3.49
C PRO A 72 -2.20 6.10 3.95
N PHE A 73 -1.27 7.07 3.92
CA PHE A 73 -1.61 8.43 4.32
C PHE A 73 -2.11 9.19 3.12
N GLY A 74 -1.80 8.69 1.94
CA GLY A 74 -2.20 9.29 0.69
C GLY A 74 -1.55 10.63 0.40
N PHE A 75 -0.30 10.76 0.84
CA PHE A 75 0.49 11.96 0.57
C PHE A 75 0.65 12.29 -0.90
N SER A 76 0.61 13.58 -1.23
CA SER A 76 1.05 14.06 -2.54
C SER A 76 2.51 13.68 -2.84
N ASP A 77 2.88 13.60 -4.12
CA ASP A 77 4.27 13.32 -4.51
C ASP A 77 5.28 14.27 -3.81
N GLN A 78 4.96 15.58 -3.77
CA GLN A 78 5.80 16.58 -3.09
C GLN A 78 5.95 16.18 -1.61
N ARG A 79 4.83 15.81 -0.98
CA ARG A 79 4.84 15.43 0.43
C ARG A 79 5.55 14.12 0.68
N LEU A 80 5.42 13.15 -0.22
CA LEU A 80 6.23 11.96 -0.06
C LEU A 80 7.73 12.30 -0.04
N LYS A 81 8.17 13.22 -0.91
CA LYS A 81 9.62 13.58 -0.93
C LYS A 81 9.98 14.34 0.38
N GLN A 82 9.17 15.34 0.76
CA GLN A 82 9.42 16.12 1.98
C GLN A 82 9.43 15.28 3.27
N VAL A 83 8.39 14.44 3.42
CA VAL A 83 8.23 13.75 4.70
C VAL A 83 9.11 12.53 4.76
N TYR A 84 9.21 11.78 3.66
CA TYR A 84 9.95 10.52 3.69
C TYR A 84 11.18 10.46 2.73
N GLN A 85 11.45 11.55 1.98
CA GLN A 85 12.58 11.61 1.04
C GLN A 85 12.41 10.53 -0.01
N PHE A 86 11.15 10.26 -0.37
CA PHE A 86 10.84 9.21 -1.29
C PHE A 86 10.43 9.78 -2.63
N GLU A 87 11.08 9.31 -3.70
CA GLU A 87 10.65 9.58 -5.06
C GLU A 87 10.59 8.30 -5.88
N TYR A 88 9.66 8.28 -6.83
CA TYR A 88 9.43 6.99 -7.54
C TYR A 88 9.41 7.24 -9.04
N GLU A 89 9.93 8.40 -9.46
CA GLU A 89 9.90 8.71 -10.90
C GLU A 89 10.65 7.64 -11.71
N SER A 90 11.78 7.15 -11.23
CA SER A 90 12.51 6.16 -12.04
C SER A 90 11.76 4.85 -12.12
N LEU A 91 11.08 4.48 -11.04
CA LEU A 91 10.43 3.18 -10.95
C LEU A 91 9.30 3.22 -11.97
N LEU A 92 8.61 4.36 -12.08
CA LEU A 92 7.53 4.49 -13.08
C LEU A 92 8.08 4.40 -14.49
N ARG A 93 9.07 5.27 -14.80
CA ARG A 93 9.84 5.21 -16.08
C ARG A 93 10.25 3.83 -16.44
N ARG A 94 10.99 3.13 -15.60
CA ARG A 94 11.39 1.74 -15.92
C ARG A 94 10.25 0.76 -16.11
N SER A 95 9.20 0.91 -15.30
CA SER A 95 8.02 0.08 -15.46
C SER A 95 7.39 0.27 -16.82
N ALA A 96 7.25 1.53 -17.22
CA ALA A 96 6.61 1.87 -18.49
C ALA A 96 7.43 1.27 -19.64
N ILE A 97 8.73 1.52 -19.60
CA ILE A 97 9.60 1.13 -20.70
C ILE A 97 9.71 -0.41 -20.79
N ALA A 98 9.82 -1.08 -19.65
CA ALA A 98 9.88 -2.54 -19.62
C ALA A 98 8.52 -3.23 -19.94
N SER A 99 7.38 -2.60 -19.60
CA SER A 99 6.16 -3.39 -19.50
C SER A 99 4.97 -2.91 -20.36
N SER A 100 5.08 -1.75 -21.00
CA SER A 100 3.97 -1.17 -21.79
C SER A 100 4.40 -1.19 -23.23
N PRO A 101 3.53 -1.68 -24.14
CA PRO A 101 3.95 -1.77 -25.57
C PRO A 101 4.19 -0.40 -26.20
N ASP A 102 3.48 0.64 -25.73
CA ASP A 102 3.73 2.01 -26.20
C ASP A 102 4.51 2.92 -25.26
N ARG A 103 5.06 2.35 -24.19
CA ARG A 103 5.81 3.13 -23.20
C ARG A 103 4.90 4.18 -22.44
N CYS A 104 3.59 3.96 -22.47
CA CYS A 104 2.59 4.74 -21.74
C CYS A 104 1.87 3.87 -20.73
N ILE A 105 1.70 4.43 -19.52
CA ILE A 105 0.90 3.81 -18.48
C ILE A 105 -0.06 4.83 -17.86
N THR A 106 -1.01 4.34 -17.09
CA THR A 106 -1.70 5.14 -16.08
C THR A 106 -1.11 4.90 -14.68
N LEU A 107 -0.73 5.99 -14.03
CA LEU A 107 -0.41 5.96 -12.59
C LEU A 107 -1.73 6.25 -11.91
N GLU A 108 -2.20 5.31 -11.10
CA GLU A 108 -3.33 5.57 -10.23
C GLU A 108 -2.82 5.55 -8.78
N LYS A 109 -3.00 6.65 -8.07
CA LYS A 109 -2.52 6.64 -6.69
C LYS A 109 -3.58 7.16 -5.78
N SER A 110 -3.61 6.59 -4.61
CA SER A 110 -4.52 7.09 -3.56
C SER A 110 -4.22 8.52 -3.16
N THR A 111 -5.29 9.31 -2.92
CA THR A 111 -5.16 10.73 -2.55
C THR A 111 -5.68 11.01 -1.11
N GLN A 112 -5.96 9.95 -0.36
CA GLN A 112 -6.57 10.01 1.02
C GLN A 112 -5.89 9.14 1.97
N SER A 113 -6.07 9.45 3.25
CA SER A 113 -5.48 8.61 4.28
C SER A 113 -6.52 7.66 4.76
N VAL A 114 -6.10 6.44 5.05
CA VAL A 114 -6.93 5.51 5.75
C VAL A 114 -6.39 5.26 7.14
N GLN A 115 -5.21 5.80 7.46
CA GLN A 115 -4.44 5.44 8.64
C GLN A 115 -4.27 6.64 9.58
N GLY A 116 -4.33 6.41 10.87
CA GLY A 116 -4.14 7.54 11.74
C GLY A 116 -2.68 8.04 11.88
N PRO A 117 -2.51 9.33 12.21
CA PRO A 117 -1.16 9.90 12.30
C PRO A 117 -0.19 9.21 13.27
N ASN A 118 -0.66 8.57 14.35
CA ASN A 118 0.20 7.89 15.29
C ASN A 118 0.26 6.39 15.12
N SER A 119 -0.40 5.93 14.08
CA SER A 119 -0.52 4.48 13.90
C SER A 119 0.75 3.88 13.27
N ALA A 120 1.15 2.69 13.67
CA ALA A 120 2.17 1.98 12.93
C ALA A 120 1.65 0.80 12.08
N ALA A 121 0.43 0.96 11.54
CA ALA A 121 -0.25 -0.11 10.74
C ALA A 121 0.00 -0.04 9.21
N CYS A 122 0.92 0.83 8.74
CA CYS A 122 1.08 1.02 7.26
C CYS A 122 1.30 -0.32 6.56
N GLY A 123 2.22 -1.12 7.04
CA GLY A 123 2.46 -2.44 6.43
C GLY A 123 1.16 -3.23 6.22
N LEU A 124 0.37 -3.28 7.27
CA LEU A 124 -0.89 -4.03 7.21
C LEU A 124 -1.93 -3.41 6.31
N PHE A 125 -2.20 -2.08 6.31
CA PHE A 125 -2.98 -1.53 5.29
C PHE A 125 -2.48 -1.91 3.89
N CYS A 126 -1.15 -1.93 3.69
CA CYS A 126 -0.62 -2.45 2.38
C CYS A 126 -1.10 -3.82 1.96
N CYS A 127 -1.00 -4.82 2.87
CA CYS A 127 -1.47 -6.19 2.62
C CYS A 127 -2.94 -6.21 2.23
N MET A 128 -3.77 -5.54 3.01
CA MET A 128 -5.17 -5.38 2.66
C MET A 128 -5.38 -4.81 1.23
N PHE A 129 -4.72 -3.71 0.87
CA PHE A 129 -4.82 -3.24 -0.52
C PHE A 129 -4.42 -4.33 -1.54
N LEU A 130 -3.37 -5.08 -1.21
CA LEU A 130 -2.87 -6.07 -2.17
C LEU A 130 -3.80 -7.29 -2.26
N HIS A 131 -4.51 -7.61 -1.19
CA HIS A 131 -5.70 -8.54 -1.34
C HIS A 131 -6.72 -8.08 -2.34
N ALA A 132 -7.08 -6.80 -2.25
CA ALA A 132 -7.97 -6.17 -3.19
C ALA A 132 -7.46 -6.25 -4.63
N PHE A 133 -6.16 -5.98 -4.81
CA PHE A 133 -5.60 -5.93 -6.14
C PHE A 133 -5.58 -7.34 -6.75
N ALA A 134 -5.18 -8.36 -5.98
CA ALA A 134 -5.13 -9.72 -6.52
C ALA A 134 -6.50 -10.32 -6.91
N ASN A 135 -7.59 -9.80 -6.34
CA ASN A 135 -8.99 -10.27 -6.60
C ASN A 135 -9.75 -9.37 -7.56
N TRP A 136 -9.49 -8.07 -7.50
CA TRP A 136 -10.13 -7.08 -8.34
C TRP A 136 -9.08 -6.11 -8.96
N PRO A 137 -8.16 -6.65 -9.80
CA PRO A 137 -7.06 -5.84 -10.39
C PRO A 137 -7.46 -4.66 -11.26
N GLN A 138 -8.73 -4.55 -11.59
CA GLN A 138 -9.19 -3.42 -12.34
C GLN A 138 -9.76 -2.37 -11.45
N THR A 139 -9.90 -2.68 -10.17
CA THR A 139 -10.54 -1.73 -9.27
C THR A 139 -10.08 -1.86 -7.77
N PRO A 140 -8.73 -1.96 -7.50
CA PRO A 140 -8.28 -2.23 -6.12
C PRO A 140 -8.43 -1.02 -5.12
N MET A 141 -8.48 0.23 -5.58
CA MET A 141 -8.56 1.40 -4.66
C MET A 141 -9.88 1.51 -3.87
N ASP A 142 -11.00 1.29 -4.58
CA ASP A 142 -12.35 1.48 -4.03
C ASP A 142 -13.32 0.61 -4.82
N HIS A 143 -14.52 0.43 -4.29
CA HIS A 143 -15.64 -0.19 -4.94
C HIS A 143 -15.33 -1.65 -5.15
N ASN A 144 -14.86 -2.25 -4.06
CA ASN A 144 -14.55 -3.69 -4.06
C ASN A 144 -14.73 -4.19 -2.66
N PRO A 145 -15.02 -5.50 -2.49
CA PRO A 145 -15.43 -6.05 -1.18
C PRO A 145 -14.42 -5.77 -0.10
N THR A 146 -13.18 -5.60 -0.46
CA THR A 146 -12.13 -5.47 0.58
C THR A 146 -12.00 -4.01 1.00
N MET A 147 -11.71 -3.18 0.04
CA MET A 147 -11.55 -1.73 0.29
C MET A 147 -12.81 -0.96 0.68
N ASN A 148 -13.95 -1.60 0.47
CA ASN A 148 -15.23 -1.04 0.89
C ASN A 148 -15.29 -1.02 2.45
N LEU A 149 -14.55 -1.92 3.08
CA LEU A 149 -14.46 -1.97 4.53
C LEU A 149 -13.77 -0.82 5.19
N ILE A 150 -13.06 0.00 4.43
CA ILE A 150 -12.42 1.14 5.04
C ILE A 150 -12.76 2.44 4.31
N THR A 151 -12.52 3.56 4.99
CA THR A 151 -12.93 4.85 4.50
C THR A 151 -11.81 5.87 4.40
N GLY A 152 -11.50 6.34 3.19
CA GLY A 152 -10.53 7.41 3.05
C GLY A 152 -10.99 8.77 3.57
N VAL A 153 -10.11 9.51 4.23
CA VAL A 153 -10.40 10.90 4.58
C VAL A 153 -9.44 11.80 3.81
N PRO A 154 -9.86 13.05 3.43
CA PRO A 154 -8.90 13.83 2.68
C PRO A 154 -7.57 13.97 3.45
N ASN A 155 -6.47 13.89 2.73
CA ASN A 155 -5.16 13.95 3.33
C ASN A 155 -4.92 15.23 4.15
N SER A 156 -5.45 16.36 3.69
CA SER A 156 -5.45 17.62 4.47
C SER A 156 -6.08 17.56 5.89
N MET A 157 -6.82 16.49 6.20
CA MET A 157 -7.53 16.37 7.47
C MET A 157 -6.90 15.31 8.35
N LEU A 158 -5.75 14.83 7.93
CA LEU A 158 -5.06 13.75 8.66
C LEU A 158 -4.96 13.90 10.19
N ASN A 159 -4.74 15.14 10.60
CA ASN A 159 -4.53 15.53 11.99
C ASN A 159 -5.70 16.27 12.62
N SER A 160 -6.83 16.34 11.92
CA SER A 160 -8.00 16.96 12.45
C SER A 160 -8.65 16.01 13.51
N PRO A 161 -9.10 16.58 14.64
CA PRO A 161 -9.70 15.63 15.55
C PRO A 161 -11.04 15.01 15.01
N GLN A 162 -11.70 15.65 14.07
CA GLN A 162 -12.99 15.11 13.61
C GLN A 162 -12.94 13.77 12.84
N VAL A 163 -11.84 13.52 12.12
CA VAL A 163 -11.66 12.29 11.34
C VAL A 163 -11.05 11.15 12.18
N GLN A 164 -10.56 11.45 13.39
CA GLN A 164 -9.84 10.40 14.17
C GLN A 164 -10.62 9.14 14.51
N PRO A 165 -11.90 9.29 14.93
CA PRO A 165 -12.63 8.04 15.13
C PRO A 165 -12.75 7.15 13.85
N THR A 166 -12.92 7.77 12.68
CA THR A 166 -12.94 7.08 11.32
C THR A 166 -11.63 6.38 11.04
N LEU A 167 -10.52 7.10 11.28
CA LEU A 167 -9.17 6.54 11.05
C LEU A 167 -8.99 5.40 12.02
N ARG A 168 -9.48 5.50 13.25
CA ARG A 168 -9.43 4.37 14.21
C ARG A 168 -10.31 3.22 13.78
N ARG A 169 -11.49 3.54 13.32
CA ARG A 169 -12.40 2.46 12.87
C ARG A 169 -11.79 1.75 11.65
N ASN A 170 -11.14 2.51 10.75
CA ASN A 170 -10.37 1.82 9.63
C ASN A 170 -9.46 0.75 10.17
N GLN A 171 -8.76 1.07 11.28
CA GLN A 171 -7.79 0.16 11.90
C GLN A 171 -8.45 -1.05 12.47
N GLU A 172 -9.62 -0.89 13.09
CA GLU A 172 -10.29 -2.04 13.66
C GLU A 172 -10.81 -2.96 12.57
N GLN A 173 -11.39 -2.37 11.54
CA GLN A 173 -11.83 -3.14 10.34
C GLN A 173 -10.65 -3.92 9.74
N LEU A 174 -9.49 -3.24 9.55
CA LEU A 174 -8.29 -3.93 9.11
C LEU A 174 -7.93 -5.12 9.96
N TYR A 175 -7.85 -4.98 11.30
CA TYR A 175 -7.56 -6.14 12.17
C TYR A 175 -8.65 -7.28 12.09
N SER A 176 -9.93 -6.91 11.94
CA SER A 176 -11.07 -7.86 11.79
C SER A 176 -10.84 -8.62 10.49
N PHE A 177 -10.66 -7.83 9.42
CA PHE A 177 -10.24 -8.39 8.11
C PHE A 177 -9.11 -9.38 8.27
N LEU A 178 -8.01 -8.98 8.92
CA LEU A 178 -6.87 -9.93 9.00
C LEU A 178 -7.15 -11.14 9.86
N GLU A 179 -7.97 -10.99 10.91
CA GLU A 179 -8.34 -12.16 11.72
C GLU A 179 -8.97 -13.22 10.85
N ARG A 180 -9.85 -12.77 9.97
CA ARG A 180 -10.60 -13.77 9.25
C ARG A 180 -9.88 -14.35 8.04
N HIS A 181 -8.92 -13.59 7.48
CA HIS A 181 -8.19 -14.01 6.24
C HIS A 181 -6.76 -14.58 6.39
N SER A 182 -6.13 -14.41 7.54
CA SER A 182 -4.71 -14.70 7.63
C SER A 182 -4.37 -15.59 8.81
N PRO A 183 -4.01 -16.89 8.60
CA PRO A 183 -3.57 -17.70 9.73
C PRO A 183 -2.37 -17.13 10.50
N TYR A 184 -1.46 -16.45 9.81
CA TYR A 184 -0.29 -15.85 10.46
C TYR A 184 -0.69 -14.77 11.46
N PHE A 185 -1.51 -13.83 11.03
CA PHE A 185 -1.96 -12.73 11.91
C PHE A 185 -2.69 -13.32 13.13
N ARG A 186 -3.53 -14.34 12.88
CA ARG A 186 -4.32 -15.01 13.92
C ARG A 186 -3.39 -15.50 15.03
N SER A 187 -2.31 -16.17 14.64
CA SER A 187 -1.40 -16.79 15.61
C SER A 187 -0.37 -15.84 16.21
N HIS A 188 -0.33 -14.59 15.72
CA HIS A 188 0.53 -13.52 16.30
C HIS A 188 -0.30 -12.27 16.66
N SER A 189 -1.61 -12.43 16.82
CA SER A 189 -2.55 -11.33 16.90
C SER A 189 -2.13 -10.29 17.93
N ALA A 190 -1.85 -10.74 19.16
CA ALA A 190 -1.49 -9.81 20.23
C ALA A 190 -0.21 -9.03 19.92
N GLN A 191 0.85 -9.69 19.49
CA GLN A 191 2.14 -9.01 19.12
C GLN A 191 1.98 -8.00 18.00
N ILE A 192 1.24 -8.37 16.96
CA ILE A 192 1.17 -7.51 15.79
C ILE A 192 0.33 -6.30 16.16
N ARG A 193 -0.77 -6.53 16.83
CA ARG A 193 -1.62 -5.44 17.28
C ARG A 193 -0.79 -4.43 18.11
N SER A 194 0.03 -4.94 18.99
CA SER A 194 0.85 -4.06 19.79
C SER A 194 1.88 -3.27 18.98
N ALA A 195 2.62 -3.94 18.12
CA ALA A 195 3.66 -3.32 17.29
C ALA A 195 3.10 -2.31 16.30
N THR A 196 1.81 -2.45 15.96
CA THR A 196 1.21 -1.62 14.95
C THR A 196 0.09 -0.68 15.41
N SER A 197 -0.11 -0.55 16.73
CA SER A 197 -1.33 -0.04 17.28
C SER A 197 -1.58 1.39 16.85
N PHE A 198 -2.84 1.80 16.92
CA PHE A 198 -3.24 3.15 16.45
C PHE A 198 -2.46 4.30 17.08
N CYS A 199 -2.04 4.05 18.32
CA CYS A 199 -1.35 5.00 19.19
C CYS A 199 0.15 4.80 19.28
N HIS A 200 0.67 3.90 18.44
CA HIS A 200 2.00 3.37 18.69
C HIS A 200 3.07 4.47 18.78
N LEU A 201 3.00 5.53 17.97
CA LEU A 201 4.10 6.49 17.98
C LEU A 201 4.08 7.34 19.26
N LYS A 202 3.13 7.04 20.13
CA LYS A 202 2.92 7.80 21.37
C LYS A 202 3.44 7.02 22.59
N ASN A 203 3.48 5.69 22.54
CA ASN A 203 4.48 5.00 23.34
C ASN A 203 5.85 5.17 22.65
N GLY B 1 -13.21 2.60 0.35
CA GLY B 1 -11.73 2.55 0.20
C GLY B 1 -11.33 3.98 -0.06
N VAL B 2 -10.47 4.23 -1.05
CA VAL B 2 -9.90 5.56 -1.23
C VAL B 2 -10.14 6.21 -2.58
N GLN B 3 -10.42 7.50 -2.59
CA GLN B 3 -10.23 8.27 -3.81
C GLN B 3 -8.81 8.10 -4.38
N SER B 4 -8.69 8.18 -5.70
CA SER B 4 -7.40 8.01 -6.30
C SER B 4 -7.33 8.97 -7.44
N LEU B 5 -6.13 9.23 -7.88
CA LEU B 5 -6.03 10.03 -9.05
C LEU B 5 -5.30 9.21 -10.10
N LYS B 6 -5.69 9.45 -11.35
CA LYS B 6 -5.16 8.81 -12.54
C LYS B 6 -4.37 9.79 -13.40
N ARG B 7 -3.09 9.53 -13.60
CA ARG B 7 -2.28 10.36 -14.46
C ARG B 7 -1.70 9.44 -15.54
N ARG B 8 -1.86 9.88 -16.79
CA ARG B 8 -1.23 9.27 -17.94
C ARG B 8 0.24 9.69 -17.98
N ARG B 9 1.14 8.71 -17.99
CA ARG B 9 2.56 9.00 -18.11
C ARG B 9 3.15 8.26 -19.27
N CYS B 10 3.75 8.99 -20.21
CA CYS B 10 4.39 8.35 -21.37
C CYS B 10 5.87 8.56 -21.26
N PHE B 11 6.63 7.55 -21.67
CA PHE B 11 8.10 7.63 -21.65
C PHE B 11 8.77 7.31 -23.02
#